data_3WUY
#
_entry.id   3WUY
#
_cell.length_a   113.545
_cell.length_b   113.545
_cell.length_c   161.009
_cell.angle_alpha   90.00
_cell.angle_beta   90.00
_cell.angle_gamma   120.00
#
_symmetry.space_group_name_H-M   'P 65'
#
loop_
_entity.id
_entity.type
_entity.pdbx_description
1 polymer Nitrilase
2 water water
#
_entity_poly.entity_id   1
_entity_poly.type   'polypeptide(L)'
_entity_poly.pdbx_seq_one_letter_code
;GSHMLGKIMLNYTKNIRAAAAQISPVLFSQQGTMEKVLDAIANAAKKGVELIVFPETFVPYYPYFSFVEPPVLMGKSHLK
LYQEAVTVPGKVTQAIAQAAKTHGMVVVLGVNEREEGSLYNTQLIFDADGALVLKRRKITPTYHERMVWGQGDGAGLRTV
DTTVGRLGALACWEHYNPLARYALMAQHEQIHCGQFPGSMVGQIFADQMEVTMRHHALESGCFVINATGWLTAEQKLQIT
TDEKMHQALSGGCYTAIISPEGKHLCEPIAEGEGLAIADLDFSLIAKRKRMMDSVGHYARPDLLQLTLNNQPWSALEANP
VTPNAIPAVSDPELTETIEALPNNPIFSH
;
_entity_poly.pdbx_strand_id   A,B
#
# COMPACT_ATOMS: atom_id res chain seq x y z
N ILE A 8 17.10 -20.14 15.56
CA ILE A 8 17.16 -21.54 15.01
C ILE A 8 17.24 -21.52 13.44
N MET A 9 16.67 -22.54 12.77
CA MET A 9 16.45 -22.52 11.30
C MET A 9 14.91 -22.50 11.07
N LEU A 10 14.53 -22.35 9.79
CA LEU A 10 13.25 -21.75 9.35
C LEU A 10 12.04 -22.67 9.34
N ASN A 11 11.02 -22.31 10.10
CA ASN A 11 9.98 -23.24 10.42
C ASN A 11 8.63 -22.54 10.39
N TYR A 12 7.67 -23.14 9.71
CA TYR A 12 6.35 -22.57 9.45
C TYR A 12 5.20 -23.29 10.18
N THR A 13 5.51 -23.95 11.29
CA THR A 13 4.48 -24.72 12.02
C THR A 13 4.07 -23.97 13.29
N LYS A 14 4.77 -22.87 13.57
CA LYS A 14 4.52 -22.07 14.73
C LYS A 14 3.19 -21.36 14.64
N ASN A 15 2.70 -20.99 15.80
CA ASN A 15 1.61 -20.08 15.91
C ASN A 15 1.90 -19.19 17.11
N ILE A 16 1.94 -17.90 16.87
CA ILE A 16 2.57 -16.99 17.79
C ILE A 16 1.67 -15.85 18.16
N ARG A 17 1.64 -15.54 19.45
CA ARG A 17 0.80 -14.48 19.92
C ARG A 17 1.63 -13.22 20.01
N ALA A 18 1.27 -12.26 19.16
CA ALA A 18 2.03 -11.03 19.08
C ALA A 18 1.20 -9.85 19.52
N ALA A 19 1.88 -8.80 19.95
CA ALA A 19 1.26 -7.57 20.34
C ALA A 19 1.97 -6.33 19.85
N ALA A 20 1.16 -5.37 19.43
CA ALA A 20 1.64 -4.04 19.08
C ALA A 20 1.12 -3.11 20.16
N ALA A 21 2.01 -2.33 20.76
CA ALA A 21 1.66 -1.43 21.88
C ALA A 21 1.63 0.04 21.45
N GLN A 22 0.43 0.64 21.46
CA GLN A 22 0.28 2.09 21.45
C GLN A 22 0.23 2.58 22.88
N ILE A 23 1.30 3.26 23.30
CA ILE A 23 1.26 3.95 24.57
C ILE A 23 1.81 5.35 24.49
N SER A 24 1.47 6.14 25.49
CA SER A 24 2.03 7.47 25.63
C SER A 24 3.25 7.37 26.55
N PRO A 25 4.32 8.09 26.25
CA PRO A 25 5.51 8.09 27.10
C PRO A 25 5.30 9.01 28.27
N VAL A 26 6.31 9.19 29.10
CA VAL A 26 6.27 10.16 30.20
C VAL A 26 7.18 11.30 29.83
N LEU A 27 6.60 12.49 29.78
CA LEU A 27 7.28 13.62 29.16
C LEU A 27 8.24 14.28 30.12
N PHE A 28 9.38 13.61 30.03
CA PHE A 28 10.75 14.08 29.94
C PHE A 28 11.58 13.24 30.89
N SER A 29 11.19 11.98 30.97
CA SER A 29 11.70 11.07 31.95
C SER A 29 11.91 9.69 31.36
N GLN A 30 13.19 9.38 31.13
CA GLN A 30 13.55 8.05 30.69
C GLN A 30 12.94 7.02 31.64
N GLN A 31 13.11 7.26 32.92
CA GLN A 31 12.64 6.36 33.93
C GLN A 31 11.12 6.18 33.96
N GLY A 32 10.39 7.28 33.82
CA GLY A 32 8.96 7.20 33.85
C GLY A 32 8.48 6.40 32.66
N THR A 33 9.05 6.67 31.51
CA THR A 33 8.65 5.97 30.29
C THR A 33 9.01 4.47 30.38
N MET A 34 10.19 4.22 30.88
CA MET A 34 10.64 2.89 31.11
C MET A 34 9.66 2.14 32.03
N GLU A 35 9.05 2.81 33.02
CA GLU A 35 8.09 2.11 33.89
C GLU A 35 6.90 1.68 33.06
N LYS A 36 6.45 2.53 32.16
CA LYS A 36 5.31 2.14 31.32
C LYS A 36 5.62 0.96 30.39
N VAL A 37 6.81 0.97 29.82
CA VAL A 37 7.26 -0.13 29.00
C VAL A 37 7.24 -1.48 29.74
N LEU A 38 7.80 -1.49 30.93
CA LEU A 38 7.88 -2.72 31.67
C LEU A 38 6.46 -3.18 32.06
N ASP A 39 5.63 -2.20 32.35
CA ASP A 39 4.27 -2.51 32.68
C ASP A 39 3.53 -3.12 31.50
N ALA A 40 3.84 -2.58 30.31
CA ALA A 40 3.23 -3.07 29.10
C ALA A 40 3.60 -4.52 28.89
N ILE A 41 4.86 -4.82 29.08
CA ILE A 41 5.33 -6.16 28.82
C ILE A 41 4.59 -7.10 29.74
N ALA A 42 4.54 -6.70 31.00
CA ALA A 42 3.91 -7.50 32.00
C ALA A 42 2.42 -7.65 31.69
N ASN A 43 1.74 -6.58 31.37
CA ASN A 43 0.32 -6.74 31.05
C ASN A 43 0.14 -7.71 29.92
N ALA A 44 1.04 -7.65 28.96
CA ALA A 44 0.90 -8.48 27.81
C ALA A 44 1.19 -9.94 28.15
N ALA A 45 2.18 -10.18 28.99
CA ALA A 45 2.47 -11.51 29.44
C ALA A 45 1.22 -12.12 30.00
N LYS A 46 0.42 -11.34 30.71
CA LYS A 46 -0.86 -11.83 31.25
C LYS A 46 -1.72 -12.48 30.21
N LYS A 47 -1.58 -12.12 28.95
CA LYS A 47 -2.40 -12.70 27.91
C LYS A 47 -1.63 -13.65 27.01
N GLY A 48 -0.46 -14.08 27.47
CA GLY A 48 0.37 -15.05 26.74
C GLY A 48 0.95 -14.49 25.46
N VAL A 49 1.34 -13.23 25.47
CA VAL A 49 2.01 -12.65 24.35
C VAL A 49 3.44 -13.15 24.35
N GLU A 50 3.99 -13.52 23.19
CA GLU A 50 5.37 -14.00 23.10
C GLU A 50 6.23 -13.06 22.29
N LEU A 51 5.63 -12.05 21.69
CA LEU A 51 6.38 -11.00 20.98
C LEU A 51 5.67 -9.66 20.99
N ILE A 52 6.45 -8.62 21.22
CA ILE A 52 5.86 -7.31 21.37
C ILE A 52 6.74 -6.28 20.72
N VAL A 53 6.07 -5.31 20.12
CA VAL A 53 6.68 -4.22 19.39
C VAL A 53 6.18 -2.88 19.91
N PHE A 54 7.11 -2.00 20.25
CA PHE A 54 6.77 -0.69 20.76
C PHE A 54 6.88 0.37 19.68
N PRO A 55 6.44 1.61 19.98
CA PRO A 55 6.55 2.64 18.96
C PRO A 55 7.99 3.09 18.63
N GLU A 56 8.09 3.87 17.54
CA GLU A 56 9.32 4.49 17.06
C GLU A 56 9.93 5.33 18.19
N THR A 57 11.16 4.99 18.55
CA THR A 57 12.01 5.82 19.38
C THR A 57 11.28 6.21 20.65
N PHE A 58 10.57 5.26 21.20
CA PHE A 58 9.66 5.56 22.29
C PHE A 58 10.34 5.93 23.57
N VAL A 59 11.61 5.63 23.67
CA VAL A 59 12.29 5.82 24.93
C VAL A 59 13.42 6.85 25.00
N PRO A 60 13.06 8.07 25.34
CA PRO A 60 12.43 8.37 26.58
C PRO A 60 11.12 8.88 26.02
N TYR A 61 11.14 9.24 24.75
CA TYR A 61 10.02 9.87 24.12
C TYR A 61 10.45 10.20 22.67
N TYR A 62 9.53 10.24 21.72
CA TYR A 62 9.89 10.65 20.36
C TYR A 62 10.20 12.13 20.39
N PRO A 63 11.09 12.63 19.52
CA PRO A 63 11.42 14.06 19.58
C PRO A 63 10.44 14.94 18.82
N TYR A 64 9.24 15.02 19.36
CA TYR A 64 8.25 15.95 18.84
C TYR A 64 8.79 17.41 18.75
N PHE A 65 9.66 17.78 19.68
CA PHE A 65 10.19 19.14 19.68
C PHE A 65 10.83 19.52 18.39
N SER A 66 11.44 18.56 17.72
CA SER A 66 12.17 18.91 16.49
C SER A 66 11.21 19.29 15.36
N PHE A 67 9.96 18.83 15.43
CA PHE A 67 8.97 19.13 14.41
C PHE A 67 8.41 20.53 14.58
N VAL A 68 8.41 20.97 15.82
CA VAL A 68 7.50 21.99 16.32
C VAL A 68 8.19 23.30 16.76
N GLU A 69 9.41 23.21 17.30
CA GLU A 69 10.19 24.38 17.71
C GLU A 69 11.10 24.85 16.57
N PRO A 70 11.25 26.16 16.45
CA PRO A 70 12.31 26.68 15.54
C PRO A 70 13.70 26.22 15.95
N PRO A 71 14.63 26.11 14.96
CA PRO A 71 15.87 25.48 15.28
C PRO A 71 16.60 26.26 16.25
N VAL A 72 16.47 27.57 16.13
CA VAL A 72 17.29 28.45 16.95
C VAL A 72 16.95 28.24 18.42
N LEU A 73 15.76 27.71 18.72
CA LEU A 73 15.36 27.47 20.12
C LEU A 73 15.29 26.02 20.52
N MET A 74 15.85 25.10 19.75
CA MET A 74 15.78 23.67 20.08
C MET A 74 16.76 23.18 21.14
N GLY A 75 17.71 24.03 21.54
CA GLY A 75 18.79 23.64 22.43
C GLY A 75 18.35 22.99 23.73
N LYS A 76 17.43 23.63 24.47
CA LYS A 76 16.99 23.04 25.74
C LYS A 76 16.33 21.76 25.50
N SER A 77 15.46 21.68 24.52
CA SER A 77 14.84 20.38 24.28
C SER A 77 15.87 19.36 23.84
N HIS A 78 16.82 19.78 23.00
CA HIS A 78 17.82 18.83 22.55
C HIS A 78 18.65 18.30 23.70
N LEU A 79 19.09 19.20 24.54
CA LEU A 79 19.91 18.80 25.66
C LEU A 79 19.21 17.82 26.53
N LYS A 80 17.95 18.11 26.79
CA LYS A 80 17.14 17.36 27.69
C LYS A 80 17.04 15.92 27.24
N LEU A 81 16.69 15.78 25.97
CA LEU A 81 16.62 14.48 25.35
C LEU A 81 17.92 13.76 25.48
N TYR A 82 19.01 14.45 25.21
CA TYR A 82 20.28 13.79 25.39
C TYR A 82 20.39 13.27 26.82
N GLN A 83 19.91 14.05 27.79
CA GLN A 83 20.04 13.62 29.14
C GLN A 83 19.21 12.41 29.45
N GLU A 84 18.05 12.28 28.82
CA GLU A 84 17.23 11.10 29.02
C GLU A 84 17.47 9.98 28.02
N ALA A 85 18.42 10.16 27.11
CA ALA A 85 18.66 9.16 26.07
C ALA A 85 19.32 7.93 26.65
N VAL A 86 19.35 6.88 25.83
CA VAL A 86 19.71 5.55 26.26
C VAL A 86 21.05 5.09 25.76
N THR A 87 21.91 4.66 26.67
CA THR A 87 23.22 4.17 26.31
C THR A 87 23.28 2.78 25.72
N VAL A 88 24.14 2.73 24.66
CA VAL A 88 24.72 1.55 23.90
C VAL A 88 24.10 0.28 24.42
N PRO A 89 24.75 -0.40 25.42
CA PRO A 89 24.02 -1.11 26.51
C PRO A 89 24.13 -0.46 27.92
N GLY A 90 23.05 -0.50 28.71
CA GLY A 90 23.09 -0.02 30.10
C GLY A 90 21.89 -0.41 30.92
N LYS A 91 21.56 0.43 31.90
CA LYS A 91 20.37 0.20 32.77
C LYS A 91 19.18 -0.28 31.95
N VAL A 92 18.91 0.41 30.86
CA VAL A 92 17.70 0.16 30.09
C VAL A 92 17.69 -1.23 29.45
N THR A 93 18.80 -1.51 28.80
CA THR A 93 19.10 -2.78 28.24
C THR A 93 18.95 -3.94 29.19
N GLN A 94 19.51 -3.78 30.39
CA GLN A 94 19.46 -4.87 31.34
C GLN A 94 18.06 -5.08 31.83
N ALA A 95 17.35 -3.97 32.02
CA ALA A 95 16.00 -4.00 32.54
C ALA A 95 15.12 -4.73 31.58
N ILE A 96 15.35 -4.49 30.31
CA ILE A 96 14.54 -5.10 29.30
C ILE A 96 14.92 -6.57 29.08
N ALA A 97 16.22 -6.80 28.97
CA ALA A 97 16.73 -8.14 28.89
C ALA A 97 16.10 -9.00 29.99
N GLN A 98 15.92 -8.42 31.18
CA GLN A 98 15.28 -9.17 32.23
C GLN A 98 13.78 -9.36 32.08
N ALA A 99 13.06 -8.31 31.71
CA ALA A 99 11.63 -8.49 31.52
C ALA A 99 11.43 -9.62 30.48
N ALA A 100 12.20 -9.53 29.39
CA ALA A 100 12.11 -10.47 28.31
C ALA A 100 12.36 -11.89 28.79
N LYS A 101 13.44 -12.06 29.51
CA LYS A 101 13.79 -13.37 30.01
C LYS A 101 12.69 -13.95 30.91
N THR A 102 12.19 -13.08 31.76
CA THR A 102 11.25 -13.42 32.82
C THR A 102 9.93 -13.85 32.23
N HIS A 103 9.50 -13.16 31.18
CA HIS A 103 8.19 -13.43 30.64
C HIS A 103 8.29 -14.29 29.41
N GLY A 104 9.49 -14.83 29.18
CA GLY A 104 9.78 -15.52 27.93
C GLY A 104 9.27 -14.77 26.71
N MET A 105 9.59 -13.49 26.59
CA MET A 105 9.02 -12.68 25.52
C MET A 105 10.08 -12.10 24.62
N VAL A 106 9.73 -11.97 23.34
CA VAL A 106 10.59 -11.32 22.43
C VAL A 106 10.09 -9.90 22.38
N VAL A 107 11.04 -8.98 22.47
CA VAL A 107 10.74 -7.58 22.61
C VAL A 107 11.45 -6.77 21.56
N VAL A 108 10.67 -5.95 20.90
CA VAL A 108 11.20 -5.06 19.92
C VAL A 108 11.01 -3.61 20.35
N LEU A 109 12.13 -2.93 20.59
CA LEU A 109 12.08 -1.68 21.23
C LEU A 109 12.91 -0.65 20.50
N GLY A 110 12.26 0.47 20.17
CA GLY A 110 12.96 1.62 19.66
C GLY A 110 13.27 2.60 20.77
N VAL A 111 14.41 3.23 20.58
CA VAL A 111 15.14 3.94 21.58
C VAL A 111 16.02 5.04 20.91
N ASN A 112 16.00 6.24 21.50
CA ASN A 112 16.98 7.27 21.18
C ASN A 112 18.26 6.88 21.86
N GLU A 113 19.19 6.34 21.10
CA GLU A 113 20.47 5.89 21.66
C GLU A 113 21.44 7.08 21.75
N ARG A 114 22.12 7.23 22.89
CA ARG A 114 23.30 8.08 22.88
C ARG A 114 24.58 7.27 22.78
N GLU A 115 25.49 7.86 22.00
CA GLU A 115 26.87 7.46 21.95
C GLU A 115 27.71 8.74 21.73
N GLU A 116 28.63 9.04 22.66
CA GLU A 116 29.60 10.11 22.49
C GLU A 116 29.00 11.43 22.01
N GLY A 117 28.03 11.96 22.75
CA GLY A 117 27.40 13.23 22.39
C GLY A 117 26.67 13.24 21.04
N SER A 118 26.36 12.06 20.53
CA SER A 118 25.49 11.93 19.37
C SER A 118 24.28 11.08 19.68
N LEU A 119 23.19 11.29 18.94
CA LEU A 119 21.97 10.51 19.10
C LEU A 119 21.56 9.71 17.86
N TYR A 120 21.01 8.54 18.10
CA TYR A 120 20.56 7.72 17.00
C TYR A 120 19.20 7.18 17.32
N ASN A 121 18.47 6.88 16.27
CA ASN A 121 17.24 6.11 16.37
C ASN A 121 17.62 4.62 16.23
N THR A 122 17.42 3.86 17.28
CA THR A 122 18.00 2.55 17.32
C THR A 122 16.95 1.53 17.63
N GLN A 123 16.88 0.48 16.85
CA GLN A 123 15.92 -0.56 17.10
C GLN A 123 16.65 -1.70 17.78
N LEU A 124 16.07 -2.19 18.84
CA LEU A 124 16.69 -3.25 19.58
C LEU A 124 15.77 -4.42 19.68
N ILE A 125 16.34 -5.62 19.51
CA ILE A 125 15.57 -6.82 19.64
C ILE A 125 16.12 -7.79 20.64
N PHE A 126 15.25 -8.15 21.57
CA PHE A 126 15.60 -9.05 22.60
C PHE A 126 14.89 -10.38 22.44
N ASP A 127 15.65 -11.45 22.56
CA ASP A 127 15.07 -12.78 22.46
C ASP A 127 14.47 -13.16 23.80
N ALA A 128 13.62 -14.20 23.79
CA ALA A 128 12.94 -14.69 24.99
C ALA A 128 13.88 -15.14 26.10
N ASP A 129 15.14 -15.39 25.78
CA ASP A 129 16.15 -15.70 26.80
C ASP A 129 16.79 -14.43 27.37
N GLY A 130 16.36 -13.30 26.84
CA GLY A 130 16.79 -11.99 27.34
C GLY A 130 18.02 -11.50 26.65
N ALA A 131 18.51 -12.27 25.67
CA ALA A 131 19.64 -11.86 24.83
C ALA A 131 19.23 -10.79 23.83
N LEU A 132 20.14 -9.84 23.65
CA LEU A 132 19.97 -8.77 22.70
C LEU A 132 20.57 -9.30 21.46
N VAL A 133 19.75 -9.56 20.49
CA VAL A 133 20.17 -10.31 19.31
C VAL A 133 20.14 -9.42 18.05
N LEU A 134 19.62 -8.20 18.14
CA LEU A 134 19.76 -7.26 17.04
C LEU A 134 19.82 -5.82 17.51
N LYS A 135 20.77 -5.09 16.95
CA LYS A 135 20.86 -3.64 17.13
C LYS A 135 21.04 -2.98 15.75
N ARG A 136 20.13 -2.09 15.35
CA ARG A 136 20.31 -1.28 14.12
C ARG A 136 19.82 0.13 14.39
N ARG A 137 20.29 1.02 13.52
CA ARG A 137 19.99 2.42 13.50
C ARG A 137 19.23 2.77 12.22
N LYS A 138 18.15 3.51 12.35
CA LYS A 138 17.51 4.08 11.17
C LYS A 138 18.60 4.71 10.28
N ILE A 139 18.47 4.43 9.00
CA ILE A 139 19.45 4.80 8.04
C ILE A 139 19.28 6.25 7.61
N THR A 140 18.05 6.65 7.39
CA THR A 140 17.78 7.99 6.99
C THR A 140 16.71 8.55 7.87
N PRO A 141 17.09 9.32 8.88
CA PRO A 141 16.18 10.19 9.57
C PRO A 141 15.54 11.08 8.58
N THR A 142 14.25 11.31 8.70
CA THR A 142 13.58 12.12 7.70
C THR A 142 13.22 13.49 8.23
N TYR A 143 13.31 14.46 7.35
CA TYR A 143 12.83 15.82 7.59
C TYR A 143 13.41 16.42 8.85
N HIS A 144 12.57 16.76 9.81
CA HIS A 144 12.99 17.34 11.08
C HIS A 144 13.89 16.42 11.91
N GLU A 145 13.77 15.12 11.71
CA GLU A 145 14.60 14.20 12.43
C GLU A 145 16.08 14.46 12.16
N ARG A 146 16.41 15.02 11.00
CA ARG A 146 17.80 15.37 10.69
C ARG A 146 18.43 16.37 11.64
N MET A 147 17.65 17.01 12.48
CA MET A 147 18.17 17.95 13.49
C MET A 147 18.60 17.22 14.75
N VAL A 148 18.47 15.91 14.77
CA VAL A 148 18.52 15.17 16.02
C VAL A 148 19.38 13.95 15.93
N TRP A 149 19.07 13.09 14.96
CA TRP A 149 19.72 11.81 14.82
C TRP A 149 20.76 11.78 13.72
N GLY A 150 21.87 11.06 13.92
CA GLY A 150 22.76 10.65 12.85
C GLY A 150 22.24 9.48 12.06
N GLN A 151 22.99 9.06 11.05
CA GLN A 151 22.56 7.98 10.15
C GLN A 151 23.03 6.62 10.60
N GLY A 152 22.28 5.59 10.30
CA GLY A 152 22.76 4.24 10.52
C GLY A 152 23.60 3.86 9.34
N ASP A 153 24.25 2.69 9.39
CA ASP A 153 24.79 2.02 8.22
C ASP A 153 23.68 1.24 7.55
N GLY A 154 23.88 0.95 6.27
CA GLY A 154 23.12 -0.09 5.59
C GLY A 154 23.54 -1.53 5.95
N ALA A 155 24.61 -1.73 6.73
CA ALA A 155 24.86 -3.08 7.24
C ALA A 155 23.80 -3.48 8.27
N GLY A 156 22.87 -2.57 8.56
CA GLY A 156 21.81 -2.80 9.54
C GLY A 156 20.64 -3.61 9.03
N LEU A 157 20.61 -3.86 7.73
CA LEU A 157 19.52 -4.56 7.07
C LEU A 157 19.51 -6.08 7.19
N ARG A 158 19.73 -6.62 8.37
CA ARG A 158 19.62 -8.06 8.46
C ARG A 158 18.39 -8.43 9.30
N THR A 159 17.95 -9.67 9.13
CA THR A 159 16.89 -10.30 9.93
C THR A 159 17.53 -11.04 11.10
N VAL A 160 16.71 -11.56 12.00
CA VAL A 160 17.24 -12.32 13.12
C VAL A 160 16.36 -13.48 13.40
N ASP A 161 16.97 -14.61 13.66
CA ASP A 161 16.21 -15.73 14.12
C ASP A 161 16.02 -15.61 15.61
N THR A 162 14.79 -15.88 16.00
CA THR A 162 14.28 -15.59 17.29
C THR A 162 13.46 -16.76 17.79
N THR A 163 13.25 -16.85 19.09
CA THR A 163 12.36 -17.88 19.66
C THR A 163 11.03 -17.97 18.93
N VAL A 164 10.58 -16.85 18.39
CA VAL A 164 9.26 -16.75 17.74
C VAL A 164 9.34 -16.73 16.19
N GLY A 165 10.51 -16.99 15.63
CA GLY A 165 10.65 -16.94 14.17
C GLY A 165 11.63 -15.89 13.74
N ARG A 166 11.64 -15.64 12.45
CA ARG A 166 12.59 -14.73 11.91
C ARG A 166 12.02 -13.34 11.73
N LEU A 167 12.62 -12.36 12.40
CA LEU A 167 12.12 -10.98 12.39
C LEU A 167 12.95 -10.02 11.57
N GLY A 168 12.25 -9.01 11.07
CA GLY A 168 12.82 -7.87 10.35
C GLY A 168 12.20 -6.62 10.96
N ALA A 169 12.94 -5.51 10.97
CA ALA A 169 12.40 -4.25 11.54
C ALA A 169 12.82 -3.02 10.75
N LEU A 170 11.90 -2.10 10.53
CA LEU A 170 12.24 -0.83 9.94
C LEU A 170 11.47 0.26 10.62
N ALA A 171 11.99 1.48 10.48
CA ALA A 171 11.42 2.67 11.10
C ALA A 171 10.87 3.62 10.03
N CYS A 172 9.57 3.90 10.13
CA CYS A 172 8.94 4.95 9.36
C CYS A 172 9.26 4.82 7.89
N TRP A 173 9.82 5.82 7.20
CA TRP A 173 9.96 5.70 5.75
C TRP A 173 11.13 4.87 5.27
N GLU A 174 11.82 4.23 6.20
CA GLU A 174 12.75 3.19 5.78
C GLU A 174 12.02 2.21 4.87
N HIS A 175 10.73 2.05 5.12
CA HIS A 175 9.90 1.22 4.25
C HIS A 175 9.85 1.66 2.78
N TYR A 176 10.28 2.86 2.42
CA TYR A 176 10.29 3.19 0.98
C TYR A 176 11.64 2.99 0.39
N ASN A 177 12.57 2.57 1.20
CA ASN A 177 13.89 2.27 0.70
C ASN A 177 13.97 0.86 0.08
N PRO A 178 14.15 0.78 -1.22
CA PRO A 178 14.02 -0.52 -1.87
C PRO A 178 15.09 -1.49 -1.49
N LEU A 179 16.28 -1.02 -1.12
CA LEU A 179 17.34 -1.97 -0.72
C LEU A 179 16.89 -2.73 0.54
N ALA A 180 16.35 -1.99 1.49
CA ALA A 180 15.87 -2.60 2.71
C ALA A 180 14.74 -3.59 2.46
N ARG A 181 13.88 -3.30 1.53
CA ARG A 181 12.74 -4.16 1.36
C ARG A 181 13.14 -5.52 0.80
N TYR A 182 13.89 -5.48 -0.27
CA TYR A 182 14.36 -6.69 -0.86
C TYR A 182 15.31 -7.44 0.08
N ALA A 183 16.06 -6.70 0.89
CA ALA A 183 17.00 -7.33 1.78
C ALA A 183 16.22 -8.24 2.71
N LEU A 184 15.20 -7.69 3.36
CA LEU A 184 14.41 -8.49 4.26
C LEU A 184 13.63 -9.57 3.54
N MET A 185 13.04 -9.26 2.40
CA MET A 185 12.32 -10.28 1.61
C MET A 185 13.18 -11.40 1.18
N ALA A 186 14.42 -11.12 0.81
CA ALA A 186 15.33 -12.14 0.29
C ALA A 186 15.65 -13.11 1.39
N GLN A 187 15.69 -12.59 2.64
CA GLN A 187 15.93 -13.41 3.82
C GLN A 187 14.66 -13.99 4.43
N HIS A 188 13.55 -13.92 3.73
CA HIS A 188 12.34 -14.60 4.17
C HIS A 188 11.86 -14.21 5.55
N GLU A 189 11.98 -12.95 5.89
CA GLU A 189 11.47 -12.48 7.15
C GLU A 189 10.06 -12.99 7.30
N GLN A 190 9.73 -13.55 8.45
CA GLN A 190 8.42 -14.14 8.69
C GLN A 190 7.49 -13.13 9.33
N ILE A 191 8.00 -12.41 10.32
CA ILE A 191 7.26 -11.33 10.91
C ILE A 191 8.04 -10.04 10.80
N HIS A 192 7.43 -9.07 10.13
CA HIS A 192 8.01 -7.77 9.99
C HIS A 192 7.48 -6.79 11.00
N CYS A 193 8.38 -6.09 11.68
CA CYS A 193 8.01 -5.13 12.68
C CYS A 193 8.25 -3.69 12.25
N GLY A 194 7.21 -2.91 12.11
CA GLY A 194 7.38 -1.49 11.78
C GLY A 194 7.17 -0.62 12.99
N GLN A 195 7.80 0.53 13.02
CA GLN A 195 7.61 1.50 14.09
C GLN A 195 7.48 2.86 13.50
N PHE A 196 6.49 3.61 13.90
CA PHE A 196 6.33 4.99 13.53
C PHE A 196 6.14 5.81 14.81
N PRO A 197 6.16 7.15 14.73
CA PRO A 197 6.18 7.98 15.93
C PRO A 197 4.84 8.02 16.67
N GLY A 198 3.76 8.26 15.96
CA GLY A 198 2.47 8.37 16.62
C GLY A 198 2.17 9.82 16.91
N SER A 199 0.88 10.17 16.89
CA SER A 199 0.37 11.42 17.42
C SER A 199 1.00 12.62 16.73
N MET A 200 0.85 12.71 15.41
CA MET A 200 1.62 13.68 14.64
C MET A 200 1.11 13.79 13.20
N VAL A 201 1.06 15.00 12.66
CA VAL A 201 0.56 15.31 11.28
C VAL A 201 -0.93 15.10 10.98
N GLY A 202 -1.49 13.92 11.21
CA GLY A 202 -2.92 13.75 11.04
C GLY A 202 -3.36 12.50 10.33
N GLN A 203 -4.59 12.52 9.84
CA GLN A 203 -5.15 11.45 9.07
C GLN A 203 -4.28 11.06 7.91
N ILE A 204 -3.81 12.05 7.19
CA ILE A 204 -2.99 11.80 6.03
C ILE A 204 -1.83 10.83 6.33
N PHE A 205 -1.20 11.00 7.48
CA PHE A 205 -0.03 10.24 7.81
C PHE A 205 -0.53 8.85 8.22
N ALA A 206 -1.67 8.83 8.88
CA ALA A 206 -2.24 7.60 9.27
C ALA A 206 -2.61 6.77 8.02
N ASP A 207 -3.34 7.37 7.10
CA ASP A 207 -3.70 6.68 5.86
C ASP A 207 -2.46 6.17 5.19
N GLN A 208 -1.43 7.00 5.16
CA GLN A 208 -0.17 6.55 4.57
C GLN A 208 0.52 5.43 5.27
N MET A 209 0.69 5.49 6.58
CA MET A 209 1.17 4.31 7.31
C MET A 209 0.44 3.05 6.90
N GLU A 210 -0.89 3.07 6.97
CA GLU A 210 -1.63 1.86 6.81
C GLU A 210 -1.36 1.33 5.43
N VAL A 211 -1.59 2.17 4.41
CA VAL A 211 -1.32 1.72 3.06
C VAL A 211 0.09 1.15 2.95
N THR A 212 1.07 1.90 3.41
CA THR A 212 2.46 1.46 3.35
C THR A 212 2.70 0.09 3.97
N MET A 213 2.29 -0.08 5.21
CA MET A 213 2.51 -1.32 5.95
C MET A 213 1.68 -2.52 5.50
N ARG A 214 0.47 -2.30 5.07
CA ARG A 214 -0.31 -3.40 4.55
C ARG A 214 0.22 -3.85 3.20
N HIS A 215 0.70 -2.92 2.40
CA HIS A 215 1.37 -3.31 1.19
C HIS A 215 2.66 -4.09 1.49
N HIS A 216 3.37 -3.70 2.55
CA HIS A 216 4.51 -4.49 2.92
C HIS A 216 4.14 -5.94 3.09
N ALA A 217 3.14 -6.19 3.92
CA ALA A 217 2.66 -7.54 4.11
C ALA A 217 2.39 -8.19 2.78
N LEU A 218 1.65 -7.52 1.91
CA LEU A 218 1.30 -8.14 0.64
C LEU A 218 2.49 -8.54 -0.26
N GLU A 219 3.39 -7.62 -0.50
CA GLU A 219 4.56 -7.84 -1.33
C GLU A 219 5.48 -8.87 -0.71
N SER A 220 5.75 -8.76 0.60
CA SER A 220 6.65 -9.69 1.28
C SER A 220 6.03 -11.01 1.52
N GLY A 221 4.70 -11.05 1.56
CA GLY A 221 3.94 -12.24 1.99
C GLY A 221 4.21 -12.65 3.43
N CYS A 222 4.44 -11.70 4.32
CA CYS A 222 4.71 -11.97 5.72
C CYS A 222 3.69 -11.33 6.67
N PHE A 223 3.76 -11.66 7.95
CA PHE A 223 3.02 -10.90 8.91
C PHE A 223 3.71 -9.57 9.11
N VAL A 224 2.90 -8.55 9.37
CA VAL A 224 3.40 -7.23 9.69
C VAL A 224 2.78 -6.75 10.99
N ILE A 225 3.59 -6.13 11.81
CA ILE A 225 3.19 -5.59 13.07
C ILE A 225 3.68 -4.17 13.14
N ASN A 226 2.79 -3.27 13.49
CA ASN A 226 3.15 -1.89 13.45
C ASN A 226 2.68 -1.16 14.70
N ALA A 227 3.62 -0.40 15.30
CA ALA A 227 3.36 0.35 16.53
C ALA A 227 3.66 1.83 16.44
N THR A 228 2.86 2.60 17.14
CA THR A 228 2.76 4.03 17.01
C THR A 228 2.51 4.56 18.41
N GLY A 229 3.14 5.65 18.79
CA GLY A 229 2.89 6.26 20.10
C GLY A 229 1.58 7.04 20.21
N TRP A 230 1.33 7.56 21.40
CA TRP A 230 0.14 8.35 21.67
C TRP A 230 0.51 9.53 22.57
N LEU A 231 -0.16 10.68 22.38
CA LEU A 231 -0.09 11.83 23.29
C LEU A 231 -1.49 12.28 23.70
N THR A 232 -1.60 12.56 24.99
CA THR A 232 -2.77 13.16 25.61
C THR A 232 -2.71 14.66 25.42
N ALA A 233 -3.87 15.31 25.53
CA ALA A 233 -3.96 16.76 25.39
C ALA A 233 -3.03 17.46 26.35
N GLU A 234 -2.91 16.92 27.55
CA GLU A 234 -2.04 17.50 28.54
C GLU A 234 -0.60 17.47 28.04
N GLN A 235 -0.21 16.36 27.44
CA GLN A 235 1.13 16.23 26.91
C GLN A 235 1.44 17.13 25.74
N LYS A 236 0.45 17.37 24.90
CA LYS A 236 0.66 18.31 23.84
C LYS A 236 1.04 19.70 24.40
N LEU A 237 0.39 20.13 25.48
CA LEU A 237 0.74 21.40 26.13
C LEU A 237 2.17 21.41 26.62
N GLN A 238 2.55 20.29 27.24
CA GLN A 238 3.91 20.09 27.69
C GLN A 238 4.94 20.35 26.59
N ILE A 239 4.59 20.02 25.36
CA ILE A 239 5.44 20.22 24.22
C ILE A 239 5.35 21.65 23.65
N THR A 240 4.16 22.20 23.45
CA THR A 240 3.99 23.63 23.12
C THR A 240 2.73 24.16 23.71
N THR A 241 2.81 25.41 24.15
CA THR A 241 1.66 26.15 24.63
C THR A 241 0.82 26.71 23.48
N ASP A 242 1.34 26.69 22.25
CA ASP A 242 0.61 27.15 21.10
C ASP A 242 -0.46 26.14 20.66
N GLU A 243 -1.71 26.37 21.02
CA GLU A 243 -2.78 25.43 20.61
C GLU A 243 -2.89 25.32 19.12
N LYS A 244 -2.57 26.37 18.38
CA LYS A 244 -2.54 26.27 16.92
C LYS A 244 -1.62 25.17 16.42
N MET A 245 -0.55 24.89 17.14
CA MET A 245 0.26 23.73 16.76
C MET A 245 -0.36 22.36 17.00
N HIS A 246 -1.43 22.25 17.75
CA HIS A 246 -1.79 20.94 18.28
C HIS A 246 -2.32 19.94 17.24
N GLN A 247 -2.85 20.45 16.12
CA GLN A 247 -3.18 19.59 14.97
C GLN A 247 -1.94 18.87 14.47
N ALA A 248 -0.84 19.59 14.47
CA ALA A 248 0.40 19.02 14.08
C ALA A 248 0.83 17.93 14.99
N LEU A 249 0.33 17.87 16.21
CA LEU A 249 0.69 16.76 17.13
C LEU A 249 -0.46 15.77 17.37
N SER A 250 -1.30 15.62 16.36
CA SER A 250 -2.44 14.78 16.45
C SER A 250 -2.55 13.83 15.28
N GLY A 251 -3.18 12.67 15.52
CA GLY A 251 -3.37 11.68 14.46
C GLY A 251 -2.08 10.96 14.15
N GLY A 252 -1.94 10.53 12.90
CA GLY A 252 -0.91 9.58 12.53
C GLY A 252 -0.66 8.42 13.49
N CYS A 253 -1.71 7.68 13.81
CA CYS A 253 -1.60 6.54 14.72
C CYS A 253 -2.16 5.30 14.03
N TYR A 254 -1.36 4.23 13.95
CA TYR A 254 -1.86 3.00 13.35
C TYR A 254 -1.11 1.93 13.99
N THR A 255 -1.67 1.44 15.08
CA THR A 255 -1.11 0.32 15.78
C THR A 255 -1.94 -0.91 15.38
N ALA A 256 -1.28 -1.93 14.83
CA ALA A 256 -1.99 -2.87 13.98
C ALA A 256 -1.23 -4.16 13.76
N ILE A 257 -1.96 -5.23 13.42
CA ILE A 257 -1.34 -6.50 13.10
C ILE A 257 -1.96 -7.08 11.84
N ILE A 258 -1.08 -7.36 10.86
CA ILE A 258 -1.53 -7.61 9.51
C ILE A 258 -1.07 -8.97 9.02
N SER A 259 -1.99 -9.70 8.38
CA SER A 259 -1.70 -10.99 7.82
C SER A 259 -1.06 -10.89 6.45
N PRO A 260 -0.48 -12.00 5.97
CA PRO A 260 0.15 -12.05 4.69
C PRO A 260 -0.73 -11.70 3.52
N GLU A 261 -2.05 -11.81 3.71
CA GLU A 261 -2.98 -11.38 2.70
C GLU A 261 -3.40 -9.96 2.90
N GLY A 262 -2.73 -9.20 3.76
CA GLY A 262 -3.12 -7.82 4.03
C GLY A 262 -4.27 -7.60 5.03
N LYS A 263 -4.82 -8.66 5.61
CA LYS A 263 -5.96 -8.54 6.53
C LYS A 263 -5.49 -8.10 7.87
N HIS A 264 -6.37 -7.34 8.55
CA HIS A 264 -6.21 -7.02 9.98
C HIS A 264 -6.57 -8.23 10.82
N LEU A 265 -5.66 -8.68 11.68
CA LEU A 265 -5.97 -9.81 12.54
C LEU A 265 -6.61 -9.43 13.86
N CYS A 266 -6.78 -8.15 14.07
CA CYS A 266 -7.47 -7.61 15.21
C CYS A 266 -7.80 -6.18 14.91
N GLU A 267 -8.68 -5.61 15.73
CA GLU A 267 -9.12 -4.27 15.46
C GLU A 267 -7.88 -3.39 15.69
N PRO A 268 -7.59 -2.47 14.74
CA PRO A 268 -6.41 -1.67 14.90
C PRO A 268 -6.70 -0.54 15.79
N ILE A 269 -5.66 0.00 16.42
CA ILE A 269 -5.78 1.11 17.33
C ILE A 269 -5.25 2.39 16.72
N ALA A 270 -6.08 3.42 16.75
CA ALA A 270 -5.74 4.76 16.36
C ALA A 270 -5.89 5.82 17.46
N GLU A 271 -6.55 5.50 18.57
CA GLU A 271 -6.86 6.50 19.58
C GLU A 271 -6.59 5.96 20.94
N GLY A 272 -6.02 6.77 21.78
CA GLY A 272 -5.73 6.35 23.10
C GLY A 272 -4.69 5.29 23.03
N GLU A 273 -4.85 4.27 23.82
CA GLU A 273 -3.69 3.60 24.34
C GLU A 273 -4.05 2.13 24.66
N GLY A 274 -3.31 1.17 24.11
CA GLY A 274 -3.71 -0.20 24.21
C GLY A 274 -2.73 -1.12 23.53
N LEU A 275 -3.02 -2.43 23.65
CA LEU A 275 -2.31 -3.46 22.94
C LEU A 275 -3.18 -4.04 21.85
N ALA A 276 -2.73 -3.92 20.61
CA ALA A 276 -3.27 -4.73 19.53
C ALA A 276 -2.63 -6.13 19.62
N ILE A 277 -3.47 -7.17 19.70
CA ILE A 277 -3.02 -8.54 19.93
C ILE A 277 -3.67 -9.52 18.98
N ALA A 278 -2.90 -10.49 18.52
CA ALA A 278 -3.40 -11.46 17.59
C ALA A 278 -2.52 -12.69 17.57
N ASP A 279 -3.15 -13.80 17.17
CA ASP A 279 -2.42 -15.00 16.92
C ASP A 279 -2.03 -15.04 15.45
N LEU A 280 -0.73 -15.14 15.22
CA LEU A 280 -0.15 -15.22 13.89
C LEU A 280 0.07 -16.68 13.58
N ASP A 281 -0.75 -17.25 12.68
CA ASP A 281 -0.54 -18.64 12.28
C ASP A 281 0.37 -18.81 11.05
N PHE A 282 1.61 -19.22 11.30
CA PHE A 282 2.69 -19.26 10.28
C PHE A 282 2.41 -20.07 9.05
N SER A 283 1.49 -21.03 9.16
CA SER A 283 1.17 -21.85 8.02
C SER A 283 0.54 -20.95 6.95
N LEU A 284 -0.12 -19.88 7.38
CA LEU A 284 -0.59 -18.84 6.47
C LEU A 284 0.47 -18.26 5.56
N ILE A 285 1.66 -18.05 6.07
CA ILE A 285 2.72 -17.59 5.19
C ILE A 285 2.98 -18.55 4.00
N ALA A 286 2.81 -19.85 4.24
CA ALA A 286 3.24 -20.86 3.30
C ALA A 286 2.10 -21.24 2.38
N LYS A 287 0.86 -21.08 2.85
CA LYS A 287 -0.30 -21.27 1.99
C LYS A 287 -0.41 -20.15 0.98
N ARG A 288 0.15 -19.02 1.36
CA ARG A 288 0.21 -17.91 0.47
C ARG A 288 1.15 -18.24 -0.70
N LYS A 289 2.41 -18.59 -0.41
CA LYS A 289 3.44 -18.78 -1.47
C LYS A 289 3.13 -19.92 -2.42
N ARG A 290 2.53 -20.97 -1.88
CA ARG A 290 2.14 -22.13 -2.64
C ARG A 290 1.00 -21.87 -3.64
N MET A 291 0.10 -20.96 -3.27
CA MET A 291 -1.05 -20.62 -4.12
C MET A 291 -0.72 -19.91 -5.44
N MET A 292 0.34 -19.10 -5.45
CA MET A 292 0.96 -18.62 -6.71
C MET A 292 2.04 -19.55 -7.34
N ASP A 293 2.09 -19.56 -8.68
CA ASP A 293 3.06 -20.39 -9.45
C ASP A 293 4.08 -19.60 -10.28
N SER A 294 4.84 -20.31 -11.16
CA SER A 294 5.71 -19.67 -12.20
C SER A 294 6.77 -20.59 -12.76
N MET B 9 8.39 16.05 -24.04
CA MET B 9 9.00 16.77 -22.89
C MET B 9 7.93 17.13 -21.86
N LEU B 10 8.38 17.22 -20.60
CA LEU B 10 7.49 16.99 -19.48
C LEU B 10 7.15 18.23 -18.77
N ASN B 11 5.87 18.43 -18.61
CA ASN B 11 5.37 19.70 -18.25
C ASN B 11 4.45 19.50 -17.08
N TYR B 12 4.69 20.28 -16.03
CA TYR B 12 4.01 20.17 -14.74
C TYR B 12 3.08 21.34 -14.44
N THR B 13 2.60 22.05 -15.44
CA THR B 13 1.75 23.21 -15.21
C THR B 13 0.28 22.90 -15.50
N LYS B 14 0.06 21.73 -16.08
CA LYS B 14 -1.26 21.31 -16.45
C LYS B 14 -2.11 21.11 -15.22
N ASN B 15 -3.39 21.14 -15.46
CA ASN B 15 -4.34 20.67 -14.52
C ASN B 15 -5.42 19.95 -15.30
N ILE B 16 -5.62 18.69 -14.98
CA ILE B 16 -6.35 17.81 -15.85
C ILE B 16 -7.51 17.15 -15.16
N ARG B 17 -8.65 17.13 -15.87
CA ARG B 17 -9.83 16.54 -15.33
C ARG B 17 -9.93 15.13 -15.83
N ALA B 18 -9.81 14.20 -14.88
CA ALA B 18 -9.81 12.80 -15.19
C ALA B 18 -11.01 12.11 -14.60
N ALA B 19 -11.36 10.99 -15.22
CA ALA B 19 -12.43 10.14 -14.74
C ALA B 19 -12.14 8.65 -14.80
N ALA B 20 -12.59 7.96 -13.75
CA ALA B 20 -12.54 6.53 -13.67
C ALA B 20 -13.97 6.05 -13.74
N ALA B 21 -14.24 5.12 -14.64
CA ALA B 21 -15.61 4.64 -14.89
C ALA B 21 -15.83 3.25 -14.36
N GLN B 22 -16.69 3.13 -13.34
CA GLN B 22 -17.26 1.84 -12.96
C GLN B 22 -18.58 1.65 -13.70
N ILE B 23 -18.61 0.73 -14.65
CA ILE B 23 -19.86 0.34 -15.27
C ILE B 23 -19.99 -1.15 -15.44
N SER B 24 -21.24 -1.56 -15.67
CA SER B 24 -21.63 -2.91 -15.91
C SER B 24 -21.59 -3.13 -17.42
N PRO B 25 -21.01 -4.24 -17.89
CA PRO B 25 -21.02 -4.47 -19.33
C PRO B 25 -22.36 -5.04 -19.69
N VAL B 26 -22.56 -5.40 -20.95
CA VAL B 26 -23.78 -6.07 -21.34
C VAL B 26 -23.41 -7.51 -21.70
N LEU B 27 -24.07 -8.45 -21.02
CA LEU B 27 -23.61 -9.81 -21.00
C LEU B 27 -24.09 -10.55 -22.20
N PHE B 28 -23.19 -10.38 -23.14
CA PHE B 28 -22.57 -11.33 -24.06
C PHE B 28 -22.60 -10.67 -25.42
N SER B 29 -22.44 -9.36 -25.40
CA SER B 29 -22.58 -8.53 -26.55
C SER B 29 -21.52 -7.45 -26.61
N GLN B 30 -20.57 -7.64 -27.51
CA GLN B 30 -19.56 -6.62 -27.75
C GLN B 30 -20.26 -5.31 -28.02
N GLN B 31 -21.26 -5.36 -28.91
CA GLN B 31 -21.96 -4.16 -29.33
C GLN B 31 -22.68 -3.45 -28.18
N GLY B 32 -23.33 -4.23 -27.32
CA GLY B 32 -24.10 -3.66 -26.23
C GLY B 32 -23.20 -3.01 -25.23
N THR B 33 -22.09 -3.65 -24.97
CA THR B 33 -21.11 -3.07 -24.06
C THR B 33 -20.49 -1.81 -24.66
N MET B 34 -20.17 -1.91 -25.94
CA MET B 34 -19.63 -0.80 -26.66
C MET B 34 -20.56 0.42 -26.59
N GLU B 35 -21.86 0.19 -26.62
CA GLU B 35 -22.81 1.26 -26.51
C GLU B 35 -22.65 1.97 -25.16
N LYS B 36 -22.45 1.19 -24.09
CA LYS B 36 -22.28 1.81 -22.76
C LYS B 36 -21.01 2.59 -22.62
N VAL B 37 -19.95 2.07 -23.21
CA VAL B 37 -18.71 2.81 -23.26
C VAL B 37 -18.85 4.19 -23.90
N LEU B 38 -19.50 4.23 -25.07
CA LEU B 38 -19.59 5.47 -25.81
C LEU B 38 -20.45 6.46 -25.01
N ASP B 39 -21.46 5.92 -24.35
CA ASP B 39 -22.31 6.72 -23.51
C ASP B 39 -21.56 7.30 -22.33
N ALA B 40 -20.68 6.49 -21.77
CA ALA B 40 -19.84 6.92 -20.69
C ALA B 40 -18.94 8.10 -21.12
N ILE B 41 -18.31 7.97 -22.27
CA ILE B 41 -17.41 9.00 -22.74
C ILE B 41 -18.18 10.29 -22.91
N ALA B 42 -19.33 10.17 -23.55
CA ALA B 42 -20.20 11.29 -23.78
C ALA B 42 -20.69 11.91 -22.46
N ASN B 43 -21.17 11.10 -21.53
CA ASN B 43 -21.55 11.68 -20.25
C ASN B 43 -20.40 12.41 -19.60
N ALA B 44 -19.20 11.88 -19.75
CA ALA B 44 -18.03 12.49 -19.12
C ALA B 44 -17.59 13.77 -19.78
N ALA B 45 -17.69 13.78 -21.10
CA ALA B 45 -17.44 15.01 -21.82
C ALA B 45 -18.30 16.11 -21.28
N LYS B 46 -19.55 15.83 -20.97
CA LYS B 46 -20.43 16.82 -20.38
C LYS B 46 -19.84 17.53 -19.20
N LYS B 47 -18.90 16.90 -18.50
CA LYS B 47 -18.30 17.51 -17.31
C LYS B 47 -16.86 17.97 -17.52
N GLY B 48 -16.47 18.06 -18.77
CA GLY B 48 -15.15 18.52 -19.13
C GLY B 48 -14.07 17.57 -18.73
N VAL B 49 -14.32 16.29 -18.88
CA VAL B 49 -13.30 15.30 -18.65
C VAL B 49 -12.39 15.27 -19.85
N GLU B 50 -11.07 15.21 -19.63
CA GLU B 50 -10.10 15.13 -20.74
C GLU B 50 -9.35 13.79 -20.75
N LEU B 51 -9.56 12.96 -19.73
CA LEU B 51 -9.00 11.62 -19.70
C LEU B 51 -9.87 10.64 -18.92
N ILE B 52 -10.03 9.44 -19.48
CA ILE B 52 -10.93 8.46 -18.90
C ILE B 52 -10.36 7.07 -19.03
N VAL B 53 -10.60 6.30 -17.99
CA VAL B 53 -10.10 4.98 -17.82
C VAL B 53 -11.24 4.04 -17.50
N PHE B 54 -11.33 2.99 -18.28
CA PHE B 54 -12.32 1.98 -18.09
C PHE B 54 -11.80 0.77 -17.33
N PRO B 55 -12.69 -0.16 -16.95
CA PRO B 55 -12.22 -1.33 -16.24
C PRO B 55 -11.37 -2.30 -17.08
N GLU B 56 -10.74 -3.25 -16.35
CA GLU B 56 -9.96 -4.36 -16.91
C GLU B 56 -10.78 -5.15 -17.91
N THR B 57 -10.26 -5.18 -19.12
CA THR B 57 -10.77 -6.08 -20.14
C THR B 57 -12.32 -5.96 -20.28
N PHE B 58 -12.80 -4.73 -20.22
CA PHE B 58 -14.21 -4.48 -20.10
C PHE B 58 -14.98 -4.83 -21.34
N VAL B 59 -14.29 -4.98 -22.46
CA VAL B 59 -14.98 -5.14 -23.72
C VAL B 59 -14.83 -6.53 -24.26
N PRO B 60 -15.95 -7.02 -24.79
CA PRO B 60 -17.24 -7.55 -24.39
C PRO B 60 -17.49 -7.41 -22.91
N TYR B 61 -16.61 -7.97 -22.11
CA TYR B 61 -16.94 -8.25 -20.74
C TYR B 61 -15.71 -8.98 -20.16
N TYR B 62 -15.45 -8.86 -18.88
CA TYR B 62 -14.36 -9.62 -18.27
C TYR B 62 -14.74 -11.09 -18.29
N PRO B 63 -13.78 -12.00 -18.40
CA PRO B 63 -14.13 -13.42 -18.38
C PRO B 63 -14.37 -14.05 -16.99
N TYR B 64 -15.47 -13.62 -16.37
CA TYR B 64 -15.91 -14.20 -15.14
C TYR B 64 -16.04 -15.74 -15.25
N PHE B 65 -16.43 -16.23 -16.42
CA PHE B 65 -16.64 -17.66 -16.58
C PHE B 65 -15.44 -18.46 -16.24
N SER B 66 -14.25 -17.91 -16.48
CA SER B 66 -13.02 -18.69 -16.19
C SER B 66 -12.79 -18.86 -14.70
N PHE B 67 -13.36 -17.99 -13.87
CA PHE B 67 -13.23 -18.10 -12.42
C PHE B 67 -14.17 -19.12 -11.83
N VAL B 68 -15.27 -19.32 -12.51
CA VAL B 68 -16.49 -19.89 -11.95
C VAL B 68 -16.91 -21.26 -12.53
N GLU B 69 -16.64 -21.52 -13.80
CA GLU B 69 -16.93 -22.79 -14.43
C GLU B 69 -15.74 -23.73 -14.33
N PRO B 70 -16.00 -25.05 -14.12
CA PRO B 70 -14.93 -26.04 -14.36
C PRO B 70 -14.34 -26.01 -15.79
N PRO B 71 -13.06 -26.34 -15.92
CA PRO B 71 -12.44 -26.23 -17.20
C PRO B 71 -13.05 -27.09 -18.21
N VAL B 72 -13.50 -28.26 -17.81
CA VAL B 72 -14.10 -29.16 -18.82
C VAL B 72 -15.28 -28.55 -19.52
N LEU B 73 -15.97 -27.62 -18.85
CA LEU B 73 -17.18 -27.05 -19.40
C LEU B 73 -16.99 -25.63 -19.84
N MET B 74 -15.75 -25.13 -19.98
CA MET B 74 -15.56 -23.73 -20.36
C MET B 74 -15.67 -23.41 -21.86
N GLY B 75 -15.75 -24.45 -22.69
CA GLY B 75 -15.76 -24.29 -24.13
C GLY B 75 -16.78 -23.35 -24.68
N LYS B 76 -18.06 -23.52 -24.34
CA LYS B 76 -19.08 -22.59 -24.86
C LYS B 76 -18.80 -21.19 -24.41
N SER B 77 -18.48 -20.98 -23.14
CA SER B 77 -18.18 -19.62 -22.74
C SER B 77 -16.95 -19.11 -23.46
N HIS B 78 -15.96 -19.96 -23.62
CA HIS B 78 -14.75 -19.50 -24.26
C HIS B 78 -15.03 -19.09 -25.68
N LEU B 79 -15.80 -19.91 -26.38
CA LEU B 79 -16.09 -19.64 -27.78
C LEU B 79 -16.82 -18.34 -27.93
N LYS B 80 -17.78 -18.15 -27.06
CA LYS B 80 -18.64 -17.00 -27.09
C LYS B 80 -17.85 -15.72 -26.98
N LEU B 81 -16.97 -15.71 -25.98
CA LEU B 81 -16.04 -14.60 -25.81
C LEU B 81 -15.21 -14.38 -27.02
N TYR B 82 -14.66 -15.44 -27.58
CA TYR B 82 -13.95 -15.26 -28.81
C TYR B 82 -14.82 -14.57 -29.88
N GLN B 83 -16.09 -14.92 -29.97
CA GLN B 83 -16.92 -14.26 -30.94
C GLN B 83 -17.10 -12.79 -30.66
N GLU B 84 -17.21 -12.41 -29.40
CA GLU B 84 -17.41 -11.01 -29.09
C GLU B 84 -16.10 -10.25 -28.84
N ALA B 85 -14.97 -10.92 -29.01
CA ALA B 85 -13.69 -10.28 -28.75
C ALA B 85 -13.38 -9.26 -29.79
N VAL B 86 -12.36 -8.46 -29.49
CA VAL B 86 -12.00 -7.30 -30.27
C VAL B 86 -10.76 -7.45 -31.13
N THR B 87 -10.88 -7.19 -32.43
CA THR B 87 -9.74 -7.22 -33.31
C THR B 87 -8.74 -6.05 -33.23
N VAL B 88 -7.46 -6.50 -33.28
CA VAL B 88 -6.16 -5.77 -33.50
C VAL B 88 -6.46 -4.30 -33.56
N PRO B 89 -6.67 -3.71 -34.77
CA PRO B 89 -7.62 -2.58 -34.97
C PRO B 89 -8.88 -2.95 -35.77
N GLY B 90 -10.04 -2.39 -35.41
CA GLY B 90 -11.26 -2.60 -36.22
C GLY B 90 -12.41 -1.68 -35.86
N LYS B 91 -13.65 -2.16 -36.04
CA LYS B 91 -14.87 -1.42 -35.67
C LYS B 91 -14.68 -0.70 -34.32
N VAL B 92 -14.20 -1.43 -33.34
CA VAL B 92 -14.15 -0.93 -31.99
C VAL B 92 -13.16 0.22 -31.84
N THR B 93 -11.98 -0.02 -32.35
CA THR B 93 -10.95 0.97 -32.47
C THR B 93 -11.41 2.26 -33.12
N GLN B 94 -12.09 2.16 -34.25
CA GLN B 94 -12.44 3.34 -34.98
C GLN B 94 -13.49 4.10 -34.25
N ALA B 95 -14.42 3.36 -33.65
CA ALA B 95 -15.52 3.96 -32.89
C ALA B 95 -14.98 4.79 -31.74
N ILE B 96 -13.95 4.28 -31.12
CA ILE B 96 -13.37 4.99 -30.00
C ILE B 96 -12.48 6.13 -30.41
N ALA B 97 -11.61 5.85 -31.37
CA ALA B 97 -10.79 6.87 -31.97
C ALA B 97 -11.68 8.08 -32.28
N GLN B 98 -12.89 7.83 -32.75
CA GLN B 98 -13.78 8.95 -33.05
C GLN B 98 -14.38 9.62 -31.82
N ALA B 99 -14.83 8.84 -30.86
CA ALA B 99 -15.36 9.45 -29.66
C ALA B 99 -14.27 10.35 -29.05
N ALA B 100 -13.06 9.82 -29.01
CA ALA B 100 -11.91 10.54 -28.45
C ALA B 100 -11.62 11.84 -29.17
N LYS B 101 -11.53 11.74 -30.49
CA LYS B 101 -11.31 12.92 -31.30
C LYS B 101 -12.40 14.00 -31.10
N THR B 102 -13.63 13.53 -31.05
CA THR B 102 -14.82 14.36 -31.00
C THR B 102 -14.88 15.12 -29.68
N HIS B 103 -14.56 14.44 -28.61
CA HIS B 103 -14.73 15.04 -27.30
C HIS B 103 -13.40 15.57 -26.82
N GLY B 104 -12.40 15.57 -27.69
CA GLY B 104 -11.03 15.89 -27.32
C GLY B 104 -10.61 15.16 -26.06
N MET B 105 -10.81 13.84 -26.01
CA MET B 105 -10.58 13.10 -24.77
C MET B 105 -9.52 12.04 -24.95
N VAL B 106 -8.76 11.80 -23.90
CA VAL B 106 -7.85 10.71 -23.90
C VAL B 106 -8.59 9.57 -23.23
N VAL B 107 -8.51 8.41 -23.88
CA VAL B 107 -9.27 7.24 -23.49
C VAL B 107 -8.37 6.03 -23.27
N VAL B 108 -8.55 5.44 -22.10
CA VAL B 108 -7.82 4.27 -21.79
C VAL B 108 -8.77 3.12 -21.62
N LEU B 109 -8.62 2.16 -22.53
CA LEU B 109 -9.58 1.14 -22.64
C LEU B 109 -8.91 -0.24 -22.62
N GLY B 110 -9.39 -1.09 -21.71
CA GLY B 110 -9.04 -2.49 -21.78
C GLY B 110 -10.08 -3.31 -22.54
N VAL B 111 -9.55 -4.33 -23.19
CA VAL B 111 -10.19 -5.06 -24.21
C VAL B 111 -9.60 -6.49 -24.28
N ASN B 112 -10.49 -7.49 -24.40
CA ASN B 112 -10.09 -8.85 -24.80
C ASN B 112 -9.78 -8.82 -26.29
N GLU B 113 -8.51 -8.79 -26.64
CA GLU B 113 -8.12 -8.75 -28.05
C GLU B 113 -8.11 -10.15 -28.65
N ARG B 114 -8.71 -10.32 -29.81
CA ARG B 114 -8.38 -11.50 -30.61
C ARG B 114 -7.34 -11.21 -31.68
N GLU B 115 -6.46 -12.21 -31.83
CA GLU B 115 -5.54 -12.32 -32.92
C GLU B 115 -5.34 -13.83 -33.18
N GLU B 116 -5.68 -14.28 -34.39
CA GLU B 116 -5.42 -15.64 -34.86
C GLU B 116 -5.86 -16.73 -33.89
N GLY B 117 -7.14 -16.75 -33.52
CA GLY B 117 -7.66 -17.76 -32.58
C GLY B 117 -7.04 -17.79 -31.18
N SER B 118 -6.35 -16.73 -30.82
CA SER B 118 -5.84 -16.60 -29.48
C SER B 118 -6.34 -15.24 -28.89
N LEU B 119 -6.48 -15.19 -27.57
CA LEU B 119 -7.00 -13.98 -26.88
C LEU B 119 -6.00 -13.31 -25.95
N TYR B 120 -6.07 -12.00 -25.87
CA TYR B 120 -5.15 -11.30 -25.01
C TYR B 120 -5.91 -10.30 -24.22
N ASN B 121 -5.36 -9.95 -23.09
CA ASN B 121 -5.80 -8.77 -22.33
C ASN B 121 -4.97 -7.56 -22.83
N THR B 122 -5.61 -6.60 -23.44
CA THR B 122 -4.88 -5.57 -24.13
C THR B 122 -5.34 -4.20 -23.69
N GLN B 123 -4.40 -3.35 -23.32
CA GLN B 123 -4.75 -2.01 -22.88
C GLN B 123 -4.49 -1.09 -24.05
N LEU B 124 -5.45 -0.23 -24.33
CA LEU B 124 -5.34 0.65 -25.46
C LEU B 124 -5.42 2.05 -24.97
N ILE B 125 -4.55 2.90 -25.53
CA ILE B 125 -4.65 4.31 -25.27
C ILE B 125 -4.80 5.18 -26.47
N PHE B 126 -5.85 5.97 -26.43
CA PHE B 126 -6.16 6.90 -27.50
C PHE B 126 -5.92 8.33 -27.09
N ASP B 127 -5.20 9.07 -27.93
CA ASP B 127 -4.98 10.47 -27.66
C ASP B 127 -6.21 11.32 -28.08
N ALA B 128 -6.28 12.54 -27.58
CA ALA B 128 -7.41 13.45 -27.86
C ALA B 128 -7.61 13.78 -29.32
N ASP B 129 -6.62 13.53 -30.16
CA ASP B 129 -6.78 13.63 -31.61
C ASP B 129 -7.33 12.33 -32.22
N GLY B 130 -7.56 11.33 -31.37
CA GLY B 130 -8.19 10.09 -31.77
C GLY B 130 -7.18 9.06 -32.24
N ALA B 131 -5.89 9.41 -32.18
CA ALA B 131 -4.79 8.48 -32.47
C ALA B 131 -4.62 7.46 -31.37
N LEU B 132 -4.37 6.23 -31.79
CA LEU B 132 -4.06 5.12 -30.90
C LEU B 132 -2.55 5.12 -30.70
N VAL B 133 -2.15 5.49 -29.51
CA VAL B 133 -0.76 5.80 -29.24
C VAL B 133 -0.11 4.77 -28.32
N LEU B 134 -0.89 3.85 -27.76
CA LEU B 134 -0.33 2.77 -27.02
C LEU B 134 -1.17 1.52 -27.11
N LYS B 135 -0.50 0.40 -27.36
CA LYS B 135 -1.09 -0.92 -27.26
C LYS B 135 -0.17 -1.83 -26.44
N ARG B 136 -0.67 -2.39 -25.34
CA ARG B 136 0.04 -3.39 -24.55
C ARG B 136 -0.87 -4.53 -24.27
N ARG B 137 -0.23 -5.65 -23.95
CA ARG B 137 -0.84 -6.82 -23.41
C ARG B 137 -0.36 -7.07 -21.97
N LYS B 138 -1.27 -7.36 -21.07
CA LYS B 138 -0.93 -7.89 -19.74
C LYS B 138 0.08 -9.03 -19.89
N ILE B 139 1.11 -8.97 -19.07
CA ILE B 139 2.26 -9.82 -19.23
C ILE B 139 2.03 -11.16 -18.60
N THR B 140 1.46 -11.15 -17.40
CA THR B 140 1.12 -12.42 -16.76
C THR B 140 -0.34 -12.37 -16.34
N PRO B 141 -1.20 -13.03 -17.12
CA PRO B 141 -2.53 -13.35 -16.70
C PRO B 141 -2.41 -14.12 -15.44
N THR B 142 -3.27 -13.84 -14.47
CA THR B 142 -3.12 -14.45 -13.18
C THR B 142 -4.22 -15.48 -12.96
N TYR B 143 -3.84 -16.58 -12.32
CA TYR B 143 -4.73 -17.61 -11.85
C TYR B 143 -5.61 -18.11 -12.99
N HIS B 144 -6.92 -17.99 -12.84
CA HIS B 144 -7.89 -18.48 -13.83
C HIS B 144 -7.78 -17.81 -15.17
N GLU B 145 -7.21 -16.62 -15.20
CA GLU B 145 -6.96 -15.95 -16.45
C GLU B 145 -6.07 -16.76 -17.39
N ARG B 146 -5.20 -17.60 -16.85
CA ARG B 146 -4.36 -18.47 -17.68
C ARG B 146 -5.14 -19.45 -18.56
N MET B 147 -6.43 -19.62 -18.32
CA MET B 147 -7.26 -20.46 -19.17
C MET B 147 -7.73 -19.73 -20.42
N VAL B 148 -7.34 -18.47 -20.58
CA VAL B 148 -8.02 -17.60 -21.52
C VAL B 148 -7.08 -16.79 -22.34
N TRP B 149 -6.20 -16.06 -21.68
CA TRP B 149 -5.34 -15.12 -22.35
C TRP B 149 -3.91 -15.65 -22.48
N GLY B 150 -3.25 -15.37 -23.61
CA GLY B 150 -1.82 -15.48 -23.69
C GLY B 150 -1.07 -14.36 -22.97
N GLN B 151 0.25 -14.42 -22.99
CA GLN B 151 1.10 -13.42 -22.35
C GLN B 151 1.49 -12.25 -23.25
N GLY B 152 1.69 -11.09 -22.67
CA GLY B 152 2.26 -10.00 -23.42
C GLY B 152 3.77 -10.17 -23.40
N ASP B 153 4.47 -9.31 -24.15
CA ASP B 153 5.88 -9.10 -24.01
C ASP B 153 6.11 -8.11 -22.88
N GLY B 154 7.32 -8.12 -22.33
CA GLY B 154 7.83 -7.03 -21.51
C GLY B 154 8.27 -5.78 -22.30
N ALA B 155 8.28 -5.82 -23.62
CA ALA B 155 8.44 -4.56 -24.38
C ALA B 155 7.20 -3.68 -24.22
N GLY B 156 6.19 -4.16 -23.47
CA GLY B 156 4.95 -3.43 -23.28
C GLY B 156 5.01 -2.34 -22.24
N LEU B 157 6.12 -2.31 -21.50
CA LEU B 157 6.31 -1.39 -20.39
C LEU B 157 6.71 0.03 -20.77
N ARG B 158 6.10 0.60 -21.80
CA ARG B 158 6.37 1.98 -22.13
C ARG B 158 5.31 2.83 -21.52
N THR B 159 5.73 4.04 -21.30
CA THR B 159 4.91 5.16 -21.04
C THR B 159 4.54 5.84 -22.37
N VAL B 160 3.59 6.77 -22.37
CA VAL B 160 3.26 7.51 -23.59
C VAL B 160 3.02 8.95 -23.26
N ASP B 161 3.52 9.85 -24.12
CA ASP B 161 3.11 11.23 -23.99
C ASP B 161 1.79 11.47 -24.69
N THR B 162 0.93 12.26 -24.05
CA THR B 162 -0.39 12.54 -24.59
C THR B 162 -0.76 13.99 -24.37
N THR B 163 -1.88 14.39 -24.95
CA THR B 163 -2.45 15.72 -24.78
C THR B 163 -2.50 16.06 -23.32
N VAL B 164 -2.64 15.03 -22.51
CA VAL B 164 -2.89 15.13 -21.11
C VAL B 164 -1.67 14.87 -20.19
N GLY B 165 -0.51 14.67 -20.78
CA GLY B 165 0.67 14.36 -19.99
C GLY B 165 1.13 12.97 -20.29
N ARG B 166 2.02 12.49 -19.45
CA ARG B 166 2.62 11.20 -19.66
C ARG B 166 1.97 10.08 -18.89
N LEU B 167 1.40 9.10 -19.59
CA LEU B 167 0.64 7.99 -18.98
C LEU B 167 1.38 6.68 -18.93
N GLY B 168 1.04 5.90 -17.90
CA GLY B 168 1.48 4.54 -17.71
C GLY B 168 0.25 3.72 -17.37
N ALA B 169 0.24 2.45 -17.75
CA ALA B 169 -0.94 1.58 -17.46
C ALA B 169 -0.54 0.16 -17.11
N LEU B 170 -1.16 -0.39 -16.09
CA LEU B 170 -0.99 -1.78 -15.79
C LEU B 170 -2.33 -2.38 -15.44
N ALA B 171 -2.38 -3.71 -15.52
CA ALA B 171 -3.58 -4.48 -15.21
C ALA B 171 -3.38 -5.35 -13.95
N CYS B 172 -4.22 -5.15 -12.98
CA CYS B 172 -4.36 -6.05 -11.86
C CYS B 172 -3.01 -6.32 -11.21
N TRP B 173 -2.55 -7.54 -11.03
CA TRP B 173 -1.31 -7.72 -10.26
C TRP B 173 -0.02 -7.44 -11.03
N GLU B 174 -0.13 -7.00 -12.27
CA GLU B 174 1.03 -6.45 -12.90
C GLU B 174 1.71 -5.45 -11.97
N HIS B 175 0.89 -4.81 -11.13
CA HIS B 175 1.41 -3.90 -10.11
C HIS B 175 2.38 -4.52 -9.12
N TYR B 176 2.46 -5.83 -8.99
CA TYR B 176 3.46 -6.40 -8.08
C TYR B 176 4.69 -6.77 -8.79
N ASN B 177 4.70 -6.59 -10.09
CA ASN B 177 5.89 -6.89 -10.86
C ASN B 177 6.89 -5.73 -10.78
N PRO B 178 8.00 -5.96 -10.06
CA PRO B 178 8.94 -4.85 -9.87
C PRO B 178 9.58 -4.26 -11.13
N LEU B 179 9.78 -5.05 -12.18
CA LEU B 179 10.27 -4.48 -13.43
C LEU B 179 9.33 -3.38 -13.96
N ALA B 180 8.04 -3.71 -14.03
CA ALA B 180 7.07 -2.76 -14.52
C ALA B 180 6.96 -1.53 -13.65
N ARG B 181 7.12 -1.66 -12.36
CA ARG B 181 7.01 -0.50 -11.52
C ARG B 181 8.13 0.50 -11.76
N TYR B 182 9.35 0.00 -11.70
CA TYR B 182 10.49 0.83 -11.88
C TYR B 182 10.63 1.33 -13.34
N ALA B 183 10.10 0.56 -14.28
CA ALA B 183 10.13 0.98 -15.66
C ALA B 183 9.33 2.25 -15.76
N LEU B 184 8.10 2.24 -15.26
CA LEU B 184 7.27 3.42 -15.31
C LEU B 184 7.81 4.57 -14.49
N MET B 185 8.28 4.29 -13.28
CA MET B 185 8.84 5.32 -12.44
C MET B 185 10.05 5.96 -13.03
N ALA B 186 10.87 5.18 -13.71
CA ALA B 186 12.11 5.72 -14.26
C ALA B 186 11.75 6.73 -15.34
N GLN B 187 10.66 6.44 -16.06
CA GLN B 187 10.18 7.32 -17.12
C GLN B 187 9.28 8.44 -16.62
N HIS B 188 9.21 8.64 -15.31
CA HIS B 188 8.44 9.74 -14.75
C HIS B 188 6.97 9.81 -15.15
N GLU B 189 6.33 8.67 -15.23
CA GLU B 189 4.91 8.64 -15.54
C GLU B 189 4.18 9.63 -14.62
N GLN B 190 3.33 10.48 -15.19
CA GLN B 190 2.68 11.54 -14.44
C GLN B 190 1.33 11.05 -13.92
N ILE B 191 0.61 10.37 -14.78
CA ILE B 191 -0.62 9.76 -14.36
C ILE B 191 -0.58 8.28 -14.67
N HIS B 192 -0.76 7.49 -13.62
CA HIS B 192 -0.82 6.07 -13.77
C HIS B 192 -2.23 5.58 -13.82
N CYS B 193 -2.52 4.76 -14.80
CA CYS B 193 -3.85 4.16 -14.95
C CYS B 193 -3.88 2.68 -14.60
N GLY B 194 -4.58 2.28 -13.56
CA GLY B 194 -4.74 0.87 -13.24
C GLY B 194 -6.09 0.37 -13.67
N GLN B 195 -6.19 -0.92 -13.98
CA GLN B 195 -7.51 -1.53 -14.30
C GLN B 195 -7.61 -2.84 -13.61
N PHE B 196 -8.71 -3.11 -12.95
CA PHE B 196 -8.98 -4.40 -12.36
C PHE B 196 -10.34 -4.87 -12.88
N PRO B 197 -10.70 -6.13 -12.65
CA PRO B 197 -11.88 -6.68 -13.26
C PRO B 197 -13.16 -6.07 -12.86
N GLY B 198 -13.43 -6.06 -11.56
CA GLY B 198 -14.72 -5.69 -11.08
C GLY B 198 -15.23 -6.67 -10.10
N SER B 199 -16.49 -7.02 -10.15
CA SER B 199 -17.16 -7.60 -8.99
C SER B 199 -16.79 -9.04 -8.85
N MET B 200 -15.92 -9.31 -7.90
CA MET B 200 -15.36 -10.62 -7.82
C MET B 200 -14.56 -10.75 -6.50
N VAL B 201 -14.60 -11.93 -5.90
CA VAL B 201 -13.92 -12.26 -4.66
C VAL B 201 -14.40 -11.61 -3.35
N GLY B 202 -14.47 -10.29 -3.28
CA GLY B 202 -15.00 -9.68 -2.08
C GLY B 202 -14.24 -8.50 -1.53
N GLN B 203 -14.52 -8.16 -0.28
CA GLN B 203 -13.83 -7.09 0.41
C GLN B 203 -12.33 -7.26 0.38
N ILE B 204 -11.87 -8.47 0.62
CA ILE B 204 -10.47 -8.75 0.62
C ILE B 204 -9.75 -8.21 -0.62
N PHE B 205 -10.38 -8.37 -1.77
CA PHE B 205 -9.76 -8.03 -3.01
C PHE B 205 -9.84 -6.52 -3.13
N ALA B 206 -10.92 -5.98 -2.63
CA ALA B 206 -11.10 -4.56 -2.66
C ALA B 206 -10.05 -3.90 -1.76
N ASP B 207 -9.92 -4.34 -0.51
CA ASP B 207 -8.91 -3.82 0.39
C ASP B 207 -7.55 -3.91 -0.25
N GLN B 208 -7.27 -5.04 -0.87
CA GLN B 208 -6.00 -5.17 -1.57
C GLN B 208 -5.80 -4.24 -2.71
N MET B 209 -6.76 -4.14 -3.63
CA MET B 209 -6.64 -3.10 -4.66
C MET B 209 -6.26 -1.75 -4.08
N GLU B 210 -7.03 -1.29 -3.10
CA GLU B 210 -6.85 0.04 -2.62
C GLU B 210 -5.46 0.21 -2.07
N VAL B 211 -5.08 -0.65 -1.14
CA VAL B 211 -3.72 -0.62 -0.62
C VAL B 211 -2.68 -0.63 -1.75
N THR B 212 -2.82 -1.57 -2.65
CA THR B 212 -1.88 -1.69 -3.79
C THR B 212 -1.74 -0.38 -4.59
N MET B 213 -2.85 0.15 -5.05
CA MET B 213 -2.85 1.34 -5.91
C MET B 213 -2.54 2.67 -5.19
N ARG B 214 -2.95 2.81 -3.95
CA ARG B 214 -2.53 4.00 -3.21
C ARG B 214 -1.05 3.97 -2.89
N HIS B 215 -0.50 2.78 -2.60
CA HIS B 215 0.93 2.67 -2.48
C HIS B 215 1.65 3.00 -3.80
N HIS B 216 1.08 2.56 -4.92
CA HIS B 216 1.67 2.98 -6.15
C HIS B 216 1.87 4.46 -6.24
N ALA B 217 0.78 5.19 -6.01
CA ALA B 217 0.86 6.66 -5.99
C ALA B 217 1.98 7.10 -5.09
N LEU B 218 2.02 6.57 -3.88
CA LEU B 218 3.02 7.05 -2.94
C LEU B 218 4.46 6.85 -3.40
N GLU B 219 4.80 5.63 -3.82
CA GLU B 219 6.14 5.25 -4.23
C GLU B 219 6.54 5.98 -5.49
N SER B 220 5.66 6.02 -6.50
CA SER B 220 5.95 6.68 -7.76
C SER B 220 5.87 8.18 -7.66
N GLY B 221 5.14 8.70 -6.69
CA GLY B 221 4.87 10.11 -6.58
C GLY B 221 4.04 10.65 -7.74
N CYS B 222 3.09 9.89 -8.23
CA CYS B 222 2.27 10.31 -9.34
C CYS B 222 0.78 10.22 -9.01
N PHE B 223 -0.06 10.71 -9.91
CA PHE B 223 -1.48 10.47 -9.76
C PHE B 223 -1.74 9.06 -10.20
N VAL B 224 -2.72 8.46 -9.56
CA VAL B 224 -3.18 7.11 -9.90
C VAL B 224 -4.66 7.11 -10.12
N ILE B 225 -5.08 6.43 -11.18
CA ILE B 225 -6.47 6.31 -11.53
C ILE B 225 -6.81 4.86 -11.69
N ASN B 226 -7.88 4.42 -11.05
CA ASN B 226 -8.17 3.02 -11.06
C ASN B 226 -9.62 2.70 -11.32
N ALA B 227 -9.86 1.77 -12.24
CA ALA B 227 -11.22 1.39 -12.67
C ALA B 227 -11.51 -0.09 -12.58
N THR B 228 -12.75 -0.39 -12.20
CA THR B 228 -13.25 -1.73 -11.91
C THR B 228 -14.63 -1.80 -12.46
N GLY B 229 -14.99 -2.96 -12.96
CA GLY B 229 -16.35 -3.19 -13.44
C GLY B 229 -17.38 -3.39 -12.35
N TRP B 230 -18.63 -3.58 -12.78
CA TRP B 230 -19.75 -3.84 -11.89
C TRP B 230 -20.67 -4.89 -12.50
N LEU B 231 -21.25 -5.74 -11.65
CA LEU B 231 -22.33 -6.66 -12.03
C LEU B 231 -23.53 -6.51 -11.11
N THR B 232 -24.69 -6.54 -11.74
CA THR B 232 -25.98 -6.58 -11.09
C THR B 232 -26.30 -8.02 -10.77
N ALA B 233 -27.21 -8.20 -9.83
CA ALA B 233 -27.65 -9.54 -9.43
C ALA B 233 -28.14 -10.34 -10.61
N GLU B 234 -28.84 -9.66 -11.51
CA GLU B 234 -29.36 -10.34 -12.68
C GLU B 234 -28.23 -10.89 -13.52
N GLN B 235 -27.18 -10.09 -13.68
CA GLN B 235 -26.01 -10.53 -14.42
C GLN B 235 -25.27 -11.68 -13.78
N LYS B 236 -25.21 -11.70 -12.48
CA LYS B 236 -24.59 -12.83 -11.83
C LYS B 236 -25.32 -14.14 -12.20
N LEU B 237 -26.66 -14.13 -12.28
CA LEU B 237 -27.41 -15.30 -12.74
C LEU B 237 -27.06 -15.71 -14.16
N GLN B 238 -26.94 -14.71 -15.01
CA GLN B 238 -26.51 -14.91 -16.36
C GLN B 238 -25.24 -15.67 -16.44
N ILE B 239 -24.35 -15.45 -15.48
CA ILE B 239 -23.04 -16.14 -15.45
C ILE B 239 -23.12 -17.51 -14.79
N THR B 240 -23.77 -17.61 -13.66
CA THR B 240 -23.99 -18.89 -13.05
C THR B 240 -25.30 -18.89 -12.28
N THR B 241 -26.01 -19.98 -12.42
CA THR B 241 -27.26 -20.26 -11.75
C THR B 241 -27.09 -20.59 -10.30
N ASP B 242 -25.90 -21.00 -9.94
CA ASP B 242 -25.61 -21.41 -8.59
C ASP B 242 -25.51 -20.17 -7.69
N GLU B 243 -26.53 -19.89 -6.89
CA GLU B 243 -26.47 -18.73 -5.98
C GLU B 243 -25.32 -18.85 -5.02
N LYS B 244 -24.95 -20.06 -4.62
CA LYS B 244 -23.78 -20.22 -3.76
C LYS B 244 -22.53 -19.62 -4.35
N MET B 245 -22.42 -19.59 -5.67
CA MET B 245 -21.28 -18.89 -6.27
C MET B 245 -21.29 -17.38 -6.15
N HIS B 246 -22.41 -16.77 -5.80
CA HIS B 246 -22.53 -15.33 -6.10
C HIS B 246 -21.65 -14.42 -5.23
N GLN B 247 -21.27 -14.90 -4.04
CA GLN B 247 -20.24 -14.21 -3.22
C GLN B 247 -18.96 -14.05 -4.01
N ALA B 248 -18.63 -15.09 -4.75
CA ALA B 248 -17.44 -15.07 -5.53
C ALA B 248 -17.54 -14.05 -6.61
N LEU B 249 -18.73 -13.60 -6.98
CA LEU B 249 -18.86 -12.57 -8.02
C LEU B 249 -19.29 -11.22 -7.46
N SER B 250 -18.90 -10.98 -6.23
CA SER B 250 -19.31 -9.77 -5.55
C SER B 250 -18.12 -9.10 -4.93
N GLY B 251 -18.24 -7.77 -4.81
CA GLY B 251 -17.16 -7.01 -4.21
C GLY B 251 -16.00 -6.85 -5.15
N GLY B 252 -14.82 -6.72 -4.57
CA GLY B 252 -13.64 -6.29 -5.31
C GLY B 252 -13.83 -5.14 -6.27
N CYS B 253 -14.37 -4.03 -5.78
CA CYS B 253 -14.61 -2.86 -6.63
C CYS B 253 -13.90 -1.69 -5.97
N TYR B 254 -13.03 -1.00 -6.71
CA TYR B 254 -12.41 0.24 -6.20
C TYR B 254 -12.13 1.11 -7.36
N THR B 255 -13.11 1.94 -7.70
CA THR B 255 -12.94 2.90 -8.76
C THR B 255 -12.65 4.24 -8.09
N ALA B 256 -11.51 4.84 -8.44
CA ALA B 256 -10.89 5.80 -7.54
C ALA B 256 -9.89 6.68 -8.24
N ILE B 257 -9.63 7.85 -7.65
CA ILE B 257 -8.57 8.70 -8.15
C ILE B 257 -7.71 9.22 -7.00
N ILE B 258 -6.40 9.00 -7.15
CA ILE B 258 -5.48 9.19 -6.02
C ILE B 258 -4.36 10.17 -6.29
N SER B 259 -4.10 11.04 -5.33
CA SER B 259 -3.03 12.03 -5.47
C SER B 259 -1.67 11.45 -5.13
N PRO B 260 -0.60 12.11 -5.57
CA PRO B 260 0.75 11.73 -5.23
C PRO B 260 1.05 11.53 -3.76
N GLU B 261 0.24 12.12 -2.88
CA GLU B 261 0.37 11.87 -1.47
C GLU B 261 -0.54 10.81 -1.01
N GLY B 262 -1.12 10.04 -1.91
CA GLY B 262 -2.03 8.93 -1.50
C GLY B 262 -3.46 9.32 -1.16
N LYS B 263 -3.80 10.59 -1.27
CA LYS B 263 -5.11 11.10 -0.87
C LYS B 263 -6.12 10.86 -1.99
N HIS B 264 -7.37 10.56 -1.60
CA HIS B 264 -8.48 10.42 -2.54
C HIS B 264 -8.88 11.81 -3.01
N LEU B 265 -8.90 12.03 -4.31
CA LEU B 265 -9.34 13.31 -4.84
C LEU B 265 -10.84 13.40 -5.06
N CYS B 266 -11.56 12.33 -4.78
CA CYS B 266 -13.01 12.29 -4.81
C CYS B 266 -13.46 11.03 -4.13
N GLU B 267 -14.73 10.94 -3.81
CA GLU B 267 -15.20 9.75 -3.14
C GLU B 267 -15.00 8.64 -4.11
N PRO B 268 -14.40 7.54 -3.65
CA PRO B 268 -14.28 6.38 -4.47
C PRO B 268 -15.59 5.63 -4.57
N ILE B 269 -15.73 4.89 -5.67
CA ILE B 269 -16.91 4.10 -5.94
C ILE B 269 -16.62 2.62 -5.77
N ALA B 270 -17.47 1.97 -4.97
CA ALA B 270 -17.46 0.55 -4.77
C ALA B 270 -18.78 -0.16 -5.15
N GLU B 271 -19.86 0.59 -5.36
CA GLU B 271 -21.18 -0.01 -5.58
C GLU B 271 -21.92 0.67 -6.70
N GLY B 272 -22.52 -0.13 -7.55
CA GLY B 272 -23.24 0.40 -8.68
C GLY B 272 -22.31 0.91 -9.73
N GLU B 273 -22.81 1.81 -10.56
CA GLU B 273 -22.11 2.37 -11.70
C GLU B 273 -21.98 3.88 -11.53
N GLY B 274 -20.88 4.44 -11.99
CA GLY B 274 -20.68 5.86 -11.96
C GLY B 274 -19.31 6.23 -12.48
N LEU B 275 -19.07 7.53 -12.51
CA LEU B 275 -17.75 8.09 -12.80
C LEU B 275 -17.16 8.71 -11.56
N ALA B 276 -16.01 8.23 -11.14
CA ALA B 276 -15.17 8.98 -10.23
C ALA B 276 -14.40 10.05 -11.02
N ILE B 277 -14.54 11.31 -10.61
CA ILE B 277 -13.99 12.45 -11.33
C ILE B 277 -13.27 13.40 -10.43
N ALA B 278 -12.16 13.94 -10.93
CA ALA B 278 -11.33 14.81 -10.14
C ALA B 278 -10.40 15.64 -11.00
N ASP B 279 -10.01 16.77 -10.43
CA ASP B 279 -8.99 17.58 -11.05
C ASP B 279 -7.63 17.22 -10.50
N LEU B 280 -6.74 16.84 -11.41
CA LEU B 280 -5.38 16.46 -11.07
C LEU B 280 -4.50 17.64 -11.33
N ASP B 281 -4.03 18.27 -10.27
CA ASP B 281 -3.15 19.43 -10.42
C ASP B 281 -1.66 19.02 -10.40
N PHE B 282 -1.07 19.03 -11.59
CA PHE B 282 0.31 18.49 -11.82
C PHE B 282 1.40 19.11 -11.01
N SER B 283 1.15 20.33 -10.51
CA SER B 283 2.15 21.02 -9.74
C SER B 283 2.35 20.25 -8.44
N LEU B 284 1.32 19.56 -7.99
CA LEU B 284 1.41 18.61 -6.89
C LEU B 284 2.49 17.57 -7.07
N ILE B 285 2.65 17.03 -8.26
CA ILE B 285 3.73 16.09 -8.48
C ILE B 285 5.10 16.70 -8.15
N ALA B 286 5.26 18.00 -8.38
CA ALA B 286 6.57 18.64 -8.33
C ALA B 286 6.83 19.25 -6.99
N LYS B 287 5.77 19.61 -6.28
CA LYS B 287 5.89 20.06 -4.91
C LYS B 287 6.21 18.89 -4.00
N ARG B 288 5.82 17.71 -4.44
CA ARG B 288 6.17 16.46 -3.81
C ARG B 288 7.69 16.29 -3.90
N LYS B 289 8.25 16.26 -5.11
CA LYS B 289 9.68 15.91 -5.30
C LYS B 289 10.63 16.91 -4.69
N ARG B 290 10.24 18.18 -4.72
CA ARG B 290 11.00 19.26 -4.14
C ARG B 290 11.04 19.25 -2.61
N MET B 291 9.92 18.84 -2.03
CA MET B 291 9.73 18.86 -0.57
C MET B 291 10.39 17.62 0.02
N MET B 292 10.41 16.52 -0.72
CA MET B 292 11.12 15.37 -0.20
C MET B 292 12.54 15.82 0.15
N ASP B 293 12.99 15.36 1.31
CA ASP B 293 14.37 15.41 1.78
C ASP B 293 15.32 15.57 0.59
N SER B 294 16.26 16.52 0.69
CA SER B 294 17.21 16.65 -0.41
C SER B 294 18.32 15.54 -0.34
N VAL B 295 18.49 14.80 -1.44
CA VAL B 295 19.46 13.68 -1.58
C VAL B 295 20.90 14.22 -1.70
#